data_6V3X
#
_entry.id   6V3X
#
_cell.length_a   56.243
_cell.length_b   84.721
_cell.length_c   90.436
_cell.angle_alpha   90.000
_cell.angle_beta   90.000
_cell.angle_gamma   90.000
#
_symmetry.space_group_name_H-M   'P 21 21 21'
#
loop_
_entity.id
_entity.type
_entity.pdbx_description
1 polymer 'Polycomb protein EED'
2 polymer 'PALI1 peptide'
3 water water
#
loop_
_entity_poly.entity_id
_entity_poly.type
_entity_poly.pdbx_seq_one_letter_code
_entity_poly.pdbx_strand_id
1 'polypeptide(L)'
;GKKCKYSFKCVNSLKEDHNQPLFGVQFNWHSKEGDPLVFATVGSNRVTLYECHSQGEIRLLQSYVDADADENFYTCAWTY
DSNTSHPLLAVAGSRGIIRIINPITMQCIKHYVGHGNAINELKFHPRDPNLLLSVSKDHALRLWNIQTDTLVAIFGGVEG
HRDEVLSADYDLLGEKIMSCGMDHSLKLWRINSKRMMNAIKESYDYNPNKTNRPFISQKIHFPDFSTRDIHRNYVDCVRW
LGDLILSKSCENAIVCWKPGKMEDDIDKIKPSESNVTILGRFDYSQCDIWYMRFSMDFWQKMLALGNQVGKLYVWDLEVE
DPHKAKCTTLTHHKCGAAIRQTSFSRDSSILIAVCDDASIWRWDRLR
;
A
2 'polypeptide(L)' LK(M3L)FPG B
#
# COMPACT_ATOMS: atom_id res chain seq x y z
N SER A 7 -15.76 15.69 11.81
CA SER A 7 -15.35 16.46 12.98
C SER A 7 -13.83 16.44 13.14
N PHE A 8 -13.11 16.37 12.01
CA PHE A 8 -11.65 16.41 12.04
C PHE A 8 -11.16 17.86 12.16
N LYS A 9 -10.21 18.08 13.07
CA LYS A 9 -9.62 19.40 13.28
C LYS A 9 -8.10 19.25 13.26
N CYS A 10 -7.41 20.20 12.62
CA CYS A 10 -5.96 20.09 12.52
C CYS A 10 -5.36 20.57 13.84
N VAL A 11 -4.64 19.68 14.53
CA VAL A 11 -4.15 19.98 15.87
C VAL A 11 -2.65 20.20 15.93
N ASN A 12 -1.89 19.79 14.91
CA ASN A 12 -0.44 19.98 14.93
C ASN A 12 0.12 19.71 13.55
N SER A 13 1.36 20.15 13.35
CA SER A 13 2.10 19.90 12.13
C SER A 13 3.58 20.00 12.47
N LEU A 14 4.40 19.40 11.61
CA LEU A 14 5.84 19.53 11.78
C LEU A 14 6.51 19.22 10.45
N LYS A 15 7.82 19.42 10.42
CA LYS A 15 8.61 19.23 9.19
C LYS A 15 9.89 18.50 9.52
N GLU A 16 10.21 17.47 8.73
CA GLU A 16 11.43 16.72 8.96
C GLU A 16 12.63 17.46 8.38
N ASP A 17 13.81 17.20 8.98
CA ASP A 17 14.98 18.05 8.71
C ASP A 17 15.55 17.87 7.31
N HIS A 18 15.23 16.79 6.61
CA HIS A 18 15.86 16.53 5.32
C HIS A 18 15.25 17.34 4.19
N ASN A 19 14.05 17.89 4.37
CA ASN A 19 13.36 18.72 3.40
C ASN A 19 13.08 18.00 2.08
N GLN A 20 13.04 16.67 2.09
CA GLN A 20 12.73 15.87 0.92
C GLN A 20 11.29 15.36 1.01
N PRO A 21 10.70 14.95 -0.10
CA PRO A 21 9.32 14.46 -0.05
C PRO A 21 9.19 13.26 0.89
N LEU A 22 8.12 13.29 1.69
CA LEU A 22 7.68 12.09 2.42
C LEU A 22 6.70 11.36 1.53
N PHE A 23 7.11 10.21 1.01
CA PHE A 23 6.28 9.46 0.07
C PHE A 23 5.27 8.55 0.76
N GLY A 24 5.49 8.19 2.02
CA GLY A 24 4.62 7.25 2.67
C GLY A 24 4.40 7.55 4.14
N VAL A 25 3.25 7.11 4.64
CA VAL A 25 2.93 7.18 6.07
C VAL A 25 2.00 6.01 6.41
N GLN A 26 2.26 5.35 7.53
CA GLN A 26 1.43 4.24 8.00
C GLN A 26 1.36 4.25 9.52
N PHE A 27 0.15 4.33 10.07
CA PHE A 27 -0.03 3.98 11.47
C PHE A 27 0.18 2.48 11.65
N ASN A 28 0.68 2.10 12.81
CA ASN A 28 0.76 0.70 13.18
C ASN A 28 -0.59 0.24 13.73
N TRP A 29 -1.24 -0.68 13.04
CA TRP A 29 -2.43 -1.32 13.56
C TRP A 29 -2.13 -2.67 14.19
N HIS A 30 -0.90 -3.16 14.03
CA HIS A 30 -0.47 -4.43 14.60
C HIS A 30 0.11 -4.17 15.99
N SER A 31 -0.78 -3.73 16.88
CA SER A 31 -0.40 -3.31 18.23
C SER A 31 -1.23 -4.04 19.28
N LYS A 32 -1.05 -3.67 20.55
CA LYS A 32 -1.83 -4.24 21.65
C LYS A 32 -2.80 -3.26 22.27
N GLU A 33 -2.42 -1.99 22.37
CA GLU A 33 -3.30 -0.93 22.91
C GLU A 33 -3.82 -1.27 24.29
N ASP A 35 -1.09 0.78 24.74
CA ASP A 35 0.01 1.13 23.86
C ASP A 35 -0.35 2.37 23.04
N PRO A 36 0.53 3.36 23.04
CA PRO A 36 0.21 4.63 22.37
C PRO A 36 0.24 4.50 20.86
N LEU A 37 -0.42 5.45 20.19
CA LEU A 37 -0.62 5.38 18.75
C LEU A 37 0.65 5.84 18.02
N VAL A 38 1.23 4.95 17.23
CA VAL A 38 2.53 5.19 16.61
C VAL A 38 2.35 5.14 15.10
N PHE A 39 3.03 6.04 14.37
CA PHE A 39 3.05 5.95 12.92
C PHE A 39 4.47 6.12 12.39
N ALA A 40 4.66 5.62 11.17
CA ALA A 40 5.95 5.71 10.49
C ALA A 40 5.82 6.58 9.27
N THR A 41 6.87 7.37 8.99
CA THR A 41 6.98 8.14 7.76
C THR A 41 8.21 7.64 6.99
N VAL A 42 8.14 7.69 5.66
CA VAL A 42 9.26 7.29 4.82
C VAL A 42 9.52 8.38 3.79
N GLY A 43 10.79 8.78 3.68
CA GLY A 43 11.20 9.77 2.71
C GLY A 43 12.70 9.93 2.86
N SER A 44 13.30 10.60 1.87
CA SER A 44 14.75 10.62 1.78
C SER A 44 15.25 9.18 1.88
N ASN A 45 16.36 8.94 2.56
CA ASN A 45 16.80 7.56 2.78
C ASN A 45 16.48 7.08 4.18
N ARG A 46 15.33 7.45 4.75
CA ARG A 46 15.07 7.11 6.13
C ARG A 46 13.61 6.72 6.33
N VAL A 47 13.37 6.04 7.45
CA VAL A 47 12.03 5.83 7.99
C VAL A 47 12.07 6.32 9.44
N THR A 48 11.02 7.02 9.86
CA THR A 48 10.98 7.66 11.16
C THR A 48 9.69 7.30 11.87
N LEU A 49 9.77 7.03 13.18
CA LEU A 49 8.61 6.70 13.98
C LEU A 49 8.26 7.87 14.89
N TYR A 50 6.96 8.09 15.05
CA TYR A 50 6.42 9.12 15.94
C TYR A 50 5.31 8.52 16.78
N GLU A 51 5.07 9.12 17.95
CA GLU A 51 4.00 8.69 18.84
C GLU A 51 3.06 9.87 19.08
N CYS A 52 1.77 9.62 18.91
CA CYS A 52 0.75 10.67 19.04
C CYS A 52 0.33 10.77 20.50
N HIS A 53 0.32 11.98 21.04
CA HIS A 53 -0.07 12.19 22.43
C HIS A 53 -1.13 13.27 22.53
N SER A 54 -1.57 13.50 23.77
CA SER A 54 -2.60 14.48 24.12
C SER A 54 -2.22 15.88 23.63
N GLN A 55 -3.26 16.70 23.43
CA GLN A 55 -3.10 18.11 23.08
C GLN A 55 -2.28 18.27 21.80
N GLY A 56 -2.47 17.35 20.85
CA GLY A 56 -1.85 17.42 19.55
C GLY A 56 -0.39 17.01 19.50
N GLU A 57 0.21 16.62 20.63
CA GLU A 57 1.66 16.41 20.65
C GLU A 57 2.05 15.24 19.77
N ILE A 58 3.10 15.44 18.96
CA ILE A 58 3.67 14.40 18.10
C ILE A 58 5.10 14.17 18.58
N ARG A 59 5.34 13.06 19.24
CA ARG A 59 6.62 12.79 19.91
C ARG A 59 7.55 12.00 18.99
N LEU A 60 8.70 12.59 18.69
CA LEU A 60 9.70 11.95 17.82
C LEU A 60 10.37 10.80 18.56
N LEU A 61 10.41 9.62 17.91
CA LEU A 61 11.07 8.49 18.54
C LEU A 61 12.45 8.27 17.92
N GLN A 62 12.52 7.50 16.84
CA GLN A 62 13.80 7.05 16.32
C GLN A 62 13.66 6.72 14.83
N SER A 63 14.74 6.94 14.08
CA SER A 63 14.77 6.66 12.66
C SER A 63 15.71 5.48 12.36
N TYR A 64 15.46 4.87 11.21
CA TYR A 64 16.45 4.05 10.52
C TYR A 64 16.90 4.81 9.28
N VAL A 65 18.21 4.98 9.14
CA VAL A 65 18.78 5.72 8.01
C VAL A 65 19.62 4.73 7.20
N ASP A 66 19.32 4.61 5.91
CA ASP A 66 20.07 3.67 5.08
C ASP A 66 21.53 4.11 4.96
N ALA A 67 22.42 3.11 4.92
CA ALA A 67 23.84 3.40 4.71
C ALA A 67 24.10 4.04 3.34
N ASP A 68 23.26 3.74 2.36
CA ASP A 68 23.40 4.33 1.03
C ASP A 68 22.71 5.68 1.01
N ALA A 69 23.48 6.75 0.83
CA ALA A 69 22.89 8.07 0.75
C ALA A 69 22.05 8.27 -0.50
N ASP A 70 22.13 7.37 -1.48
CA ASP A 70 21.34 7.45 -2.70
C ASP A 70 20.06 6.61 -2.64
N GLU A 71 19.85 5.87 -1.56
CA GLU A 71 18.57 5.19 -1.39
C GLU A 71 17.48 6.22 -1.20
N ASN A 72 16.27 5.89 -1.67
CA ASN A 72 15.11 6.73 -1.47
C ASN A 72 13.96 5.80 -1.11
N PHE A 73 13.55 5.80 0.16
CA PHE A 73 12.45 4.93 0.56
C PHE A 73 11.13 5.53 0.10
N TYR A 74 10.27 4.66 -0.44
CA TYR A 74 8.99 5.07 -1.02
C TYR A 74 7.78 4.63 -0.22
N THR A 75 7.89 3.52 0.51
CA THR A 75 6.73 2.82 1.04
C THR A 75 7.15 2.03 2.27
N CYS A 76 6.20 1.80 3.17
CA CYS A 76 6.43 0.90 4.30
C CYS A 76 5.14 0.19 4.65
N ALA A 77 5.27 -0.87 5.46
CA ALA A 77 4.10 -1.63 5.87
C ALA A 77 4.41 -2.35 7.16
N TRP A 78 3.41 -2.42 8.04
CA TRP A 78 3.59 -3.02 9.36
C TRP A 78 3.10 -4.46 9.37
N THR A 79 3.70 -5.28 10.25
CA THR A 79 3.17 -6.61 10.52
C THR A 79 3.49 -6.95 11.97
N TYR A 80 3.22 -8.20 12.34
CA TYR A 80 3.66 -8.76 13.62
C TYR A 80 4.93 -9.58 13.41
N ASP A 81 5.82 -9.54 14.39
CA ASP A 81 6.89 -10.54 14.52
C ASP A 81 6.26 -11.78 15.12
N SER A 82 6.16 -12.84 14.32
CA SER A 82 5.48 -14.05 14.78
C SER A 82 6.27 -14.81 15.83
N ASN A 83 7.54 -14.45 16.05
CA ASN A 83 8.33 -15.05 17.10
C ASN A 83 8.22 -14.32 18.44
N THR A 84 7.76 -13.06 18.44
CA THR A 84 7.74 -12.25 19.66
C THR A 84 6.42 -11.57 19.97
N SER A 85 5.54 -11.38 19.00
CA SER A 85 4.27 -10.63 19.07
C SER A 85 4.50 -9.13 19.00
N HIS A 86 5.76 -8.67 19.00
CA HIS A 86 6.04 -7.27 18.78
C HIS A 86 5.84 -6.93 17.30
N PRO A 87 5.60 -5.66 16.97
CA PRO A 87 5.44 -5.30 15.56
C PRO A 87 6.76 -5.37 14.80
N LEU A 88 6.63 -5.47 13.47
CA LEU A 88 7.74 -5.30 12.55
C LEU A 88 7.33 -4.32 11.47
N LEU A 89 8.33 -3.70 10.84
CA LEU A 89 8.13 -2.69 9.81
C LEU A 89 8.98 -3.05 8.60
N ALA A 90 8.35 -3.21 7.45
CA ALA A 90 9.07 -3.40 6.19
C ALA A 90 9.13 -2.08 5.45
N VAL A 91 10.28 -1.78 4.83
CA VAL A 91 10.45 -0.55 4.08
C VAL A 91 11.19 -0.86 2.78
N ALA A 92 10.91 -0.08 1.73
CA ALA A 92 11.61 -0.25 0.46
C ALA A 92 11.44 0.99 -0.40
N GLY A 93 12.30 1.10 -1.41
CA GLY A 93 12.18 2.18 -2.37
C GLY A 93 13.07 2.01 -3.59
N SER A 94 13.84 3.06 -3.92
CA SER A 94 14.47 3.14 -5.24
C SER A 94 15.53 2.06 -5.45
N ARG A 95 16.20 1.61 -4.39
CA ARG A 95 17.23 0.58 -4.52
C ARG A 95 16.64 -0.80 -4.81
N GLY A 96 15.33 -0.97 -4.62
CA GLY A 96 14.73 -2.28 -4.83
C GLY A 96 15.05 -3.30 -3.78
N ILE A 97 15.40 -2.88 -2.57
CA ILE A 97 15.76 -3.76 -1.46
C ILE A 97 14.71 -3.65 -0.38
N ILE A 98 14.15 -4.78 0.04
CA ILE A 98 13.21 -4.77 1.16
C ILE A 98 14.01 -4.85 2.46
N ARG A 99 13.76 -3.92 3.37
CA ARG A 99 14.38 -4.01 4.70
C ARG A 99 13.31 -4.28 5.74
N ILE A 100 13.54 -5.30 6.55
CA ILE A 100 12.68 -5.62 7.68
C ILE A 100 13.28 -4.98 8.92
N ILE A 101 12.55 -4.05 9.53
CA ILE A 101 13.03 -3.23 10.64
C ILE A 101 12.32 -3.65 11.91
N ASN A 102 13.08 -3.83 12.99
CA ASN A 102 12.49 -3.93 14.31
C ASN A 102 12.18 -2.52 14.79
N PRO A 103 10.90 -2.13 14.87
CA PRO A 103 10.58 -0.73 15.18
C PRO A 103 10.96 -0.31 16.59
N ILE A 104 11.13 -1.26 17.51
CA ILE A 104 11.55 -0.90 18.86
C ILE A 104 12.94 -0.28 18.83
N THR A 105 13.89 -0.97 18.22
CA THR A 105 15.29 -0.57 18.17
C THR A 105 15.68 0.11 16.86
N MET A 106 14.81 0.06 15.86
CA MET A 106 15.06 0.51 14.49
C MET A 106 16.21 -0.24 13.82
N GLN A 107 16.59 -1.40 14.38
CA GLN A 107 17.55 -2.27 13.71
C GLN A 107 16.96 -2.90 12.46
N CYS A 108 17.77 -2.98 11.41
CA CYS A 108 17.39 -3.78 10.24
C CYS A 108 17.77 -5.22 10.54
N ILE A 109 16.77 -6.08 10.69
CA ILE A 109 17.06 -7.45 11.11
C ILE A 109 17.26 -8.38 9.92
N LYS A 110 16.73 -8.05 8.76
CA LYS A 110 17.08 -8.79 7.54
C LYS A 110 16.64 -7.96 6.35
N HIS A 111 17.12 -8.35 5.17
CA HIS A 111 16.76 -7.65 3.96
C HIS A 111 16.65 -8.63 2.81
N TYR A 112 15.87 -8.26 1.80
CA TYR A 112 15.61 -9.12 0.65
C TYR A 112 15.97 -8.39 -0.63
N VAL A 113 16.85 -9.00 -1.40
CA VAL A 113 17.23 -8.51 -2.72
C VAL A 113 16.54 -9.39 -3.75
N GLY A 114 16.29 -8.83 -4.92
CA GLY A 114 15.77 -9.64 -6.01
C GLY A 114 15.15 -8.80 -7.10
N HIS A 115 14.29 -7.87 -6.72
CA HIS A 115 13.62 -7.02 -7.70
C HIS A 115 14.65 -6.32 -8.57
N GLY A 116 14.34 -6.22 -9.87
CA GLY A 116 15.24 -5.61 -10.83
C GLY A 116 15.29 -4.10 -10.79
N ASN A 117 14.41 -3.47 -10.02
CA ASN A 117 14.42 -2.02 -9.93
C ASN A 117 13.66 -1.60 -8.67
N ALA A 118 13.28 -0.33 -8.62
CA ALA A 118 12.62 0.25 -7.45
C ALA A 118 11.38 -0.54 -7.05
N ILE A 119 11.10 -0.54 -5.74
CA ILE A 119 9.88 -1.11 -5.20
C ILE A 119 8.92 0.03 -4.89
N ASN A 120 7.74 -0.01 -5.53
CA ASN A 120 6.77 1.07 -5.41
C ASN A 120 5.74 0.84 -4.30
N GLU A 121 5.46 -0.39 -3.89
CA GLU A 121 4.50 -0.63 -2.83
CA GLU A 121 4.54 -0.60 -2.78
C GLU A 121 4.82 -1.92 -2.10
N LEU A 122 4.55 -1.96 -0.80
CA LEU A 122 4.60 -3.16 0.03
C LEU A 122 3.26 -3.35 0.70
N LYS A 123 2.79 -4.60 0.76
CA LYS A 123 1.55 -4.94 1.47
C LYS A 123 1.71 -6.27 2.18
N PHE A 124 1.23 -6.35 3.43
CA PHE A 124 1.19 -7.61 4.17
C PHE A 124 -0.18 -8.26 4.02
N HIS A 125 -0.17 -9.58 3.89
CA HIS A 125 -1.37 -10.40 3.81
C HIS A 125 -2.29 -10.11 5.00
N PRO A 126 -3.62 -10.05 4.79
CA PRO A 126 -4.52 -9.68 5.89
C PRO A 126 -4.67 -10.73 6.96
N ARG A 127 -4.42 -12.00 6.65
CA ARG A 127 -4.55 -13.04 7.66
C ARG A 127 -3.24 -13.69 8.06
N ASP A 128 -2.21 -13.56 7.23
CA ASP A 128 -0.91 -14.19 7.50
C ASP A 128 0.16 -13.10 7.63
N PRO A 129 0.58 -12.77 8.86
CA PRO A 129 1.54 -11.67 9.04
C PRO A 129 2.91 -11.92 8.45
N ASN A 130 3.22 -13.15 8.01
CA ASN A 130 4.51 -13.48 7.43
C ASN A 130 4.57 -13.29 5.91
N LEU A 131 3.44 -13.05 5.25
CA LEU A 131 3.39 -13.04 3.79
C LEU A 131 3.41 -11.60 3.32
N LEU A 132 4.50 -11.22 2.65
CA LEU A 132 4.72 -9.84 2.21
C LEU A 132 4.67 -9.78 0.69
N LEU A 133 3.88 -8.84 0.16
CA LEU A 133 3.79 -8.57 -1.27
C LEU A 133 4.57 -7.31 -1.61
N SER A 134 5.42 -7.38 -2.62
CA SER A 134 6.14 -6.22 -3.13
C SER A 134 5.80 -6.05 -4.60
N VAL A 135 5.73 -4.78 -5.05
CA VAL A 135 5.42 -4.48 -6.45
C VAL A 135 6.47 -3.51 -6.97
N SER A 136 6.92 -3.72 -8.21
CA SER A 136 8.19 -3.15 -8.63
C SER A 136 8.15 -2.47 -10.00
N LYS A 137 9.06 -1.51 -10.12
CA LYS A 137 9.41 -0.90 -11.39
C LYS A 137 9.86 -1.92 -12.42
N ASP A 138 10.25 -3.12 -12.00
CA ASP A 138 10.65 -4.16 -12.95
C ASP A 138 9.48 -4.89 -13.60
N HIS A 139 8.24 -4.43 -13.38
CA HIS A 139 6.99 -4.92 -13.97
C HIS A 139 6.44 -6.15 -13.25
N ALA A 140 7.03 -6.59 -12.14
CA ALA A 140 6.61 -7.80 -11.46
C ALA A 140 6.13 -7.51 -10.05
N LEU A 141 5.35 -8.44 -9.52
CA LEU A 141 5.04 -8.52 -8.09
C LEU A 141 5.74 -9.76 -7.53
N ARG A 142 6.08 -9.69 -6.24
CA ARG A 142 6.71 -10.83 -5.58
C ARG A 142 6.04 -11.07 -4.24
N LEU A 143 5.83 -12.34 -3.89
CA LEU A 143 5.28 -12.74 -2.60
C LEU A 143 6.38 -13.41 -1.79
N TRP A 144 6.65 -12.88 -0.60
CA TRP A 144 7.72 -13.37 0.26
C TRP A 144 7.15 -13.94 1.54
N ASN A 145 7.83 -14.94 2.10
CA ASN A 145 7.54 -15.45 3.43
C ASN A 145 8.68 -14.99 4.34
N ILE A 146 8.41 -13.99 5.19
CA ILE A 146 9.49 -13.43 6.01
C ILE A 146 9.78 -14.23 7.26
N GLN A 147 9.03 -15.30 7.50
CA GLN A 147 9.38 -16.20 8.60
CA GLN A 147 9.38 -16.20 8.60
C GLN A 147 10.53 -17.12 8.20
N THR A 148 10.48 -17.66 6.98
CA THR A 148 11.51 -18.58 6.50
C THR A 148 12.44 -17.94 5.48
N ASP A 149 12.25 -16.65 5.18
CA ASP A 149 13.10 -15.90 4.24
C ASP A 149 13.08 -16.52 2.84
N THR A 150 11.88 -16.80 2.33
CA THR A 150 11.70 -17.48 1.07
C THR A 150 10.90 -16.61 0.08
N LEU A 151 11.24 -16.74 -1.19
CA LEU A 151 10.43 -16.14 -2.26
C LEU A 151 9.38 -17.17 -2.69
N VAL A 152 8.12 -16.89 -2.38
CA VAL A 152 7.05 -17.86 -2.66
C VAL A 152 6.65 -17.82 -4.13
N ALA A 153 6.51 -16.64 -4.70
CA ALA A 153 5.99 -16.55 -6.06
C ALA A 153 6.41 -15.22 -6.68
N ILE A 154 6.53 -15.24 -8.01
CA ILE A 154 6.77 -14.04 -8.82
C ILE A 154 5.62 -13.93 -9.80
N PHE A 155 4.99 -12.77 -9.87
CA PHE A 155 3.83 -12.54 -10.73
C PHE A 155 4.24 -11.61 -11.86
N GLY A 156 4.31 -12.12 -13.07
CA GLY A 156 4.81 -11.30 -14.16
C GLY A 156 5.18 -12.13 -15.38
N GLY A 157 5.31 -11.43 -16.48
CA GLY A 157 5.58 -12.04 -17.76
C GLY A 157 4.96 -11.21 -18.87
N VAL A 158 4.90 -11.81 -20.06
CA VAL A 158 4.36 -11.12 -21.23
C VAL A 158 2.91 -10.70 -20.98
N GLU A 159 2.13 -11.58 -20.36
CA GLU A 159 0.76 -11.27 -19.95
C GLU A 159 0.68 -10.57 -18.60
N GLY A 160 1.80 -10.49 -17.88
CA GLY A 160 1.88 -9.65 -16.70
C GLY A 160 1.90 -8.19 -17.12
N HIS A 161 2.18 -7.33 -16.14
CA HIS A 161 2.25 -5.91 -16.42
C HIS A 161 3.37 -5.62 -17.40
N ARG A 162 3.12 -4.67 -18.30
CA ARG A 162 4.05 -4.28 -19.35
C ARG A 162 4.84 -3.02 -19.01
N ASP A 163 4.65 -2.49 -17.81
CA ASP A 163 5.36 -1.31 -17.34
C ASP A 163 5.37 -1.41 -15.82
N GLU A 164 5.85 -0.36 -15.16
CA GLU A 164 5.99 -0.39 -13.69
C GLU A 164 4.68 -0.77 -13.02
N VAL A 165 4.76 -1.67 -12.04
CA VAL A 165 3.62 -1.88 -11.16
C VAL A 165 3.68 -0.84 -10.05
N LEU A 166 2.58 -0.15 -9.83
CA LEU A 166 2.57 0.97 -8.89
C LEU A 166 1.87 0.66 -7.58
N SER A 167 0.90 -0.24 -7.58
CA SER A 167 0.15 -0.50 -6.36
C SER A 167 -0.44 -1.91 -6.46
N ALA A 168 -0.80 -2.47 -5.31
CA ALA A 168 -1.55 -3.72 -5.31
C ALA A 168 -2.27 -3.85 -3.97
N ASP A 169 -3.26 -4.74 -3.91
CA ASP A 169 -3.98 -4.95 -2.67
C ASP A 169 -4.50 -6.39 -2.60
N TYR A 170 -4.38 -6.99 -1.41
CA TYR A 170 -5.05 -8.25 -1.14
C TYR A 170 -6.53 -8.00 -0.86
N ASP A 171 -7.39 -8.96 -1.24
CA ASP A 171 -8.78 -8.89 -0.81
C ASP A 171 -8.90 -9.23 0.67
N LEU A 172 -10.13 -9.21 1.19
CA LEU A 172 -10.38 -9.40 2.62
C LEU A 172 -9.77 -10.71 3.13
N LEU A 173 -10.00 -11.79 2.39
CA LEU A 173 -9.62 -13.13 2.79
C LEU A 173 -8.16 -13.43 2.48
N GLY A 174 -7.49 -12.58 1.71
CA GLY A 174 -6.16 -12.91 1.24
C GLY A 174 -6.17 -14.02 0.21
N GLU A 175 -7.28 -14.17 -0.51
CA GLU A 175 -7.39 -15.19 -1.55
C GLU A 175 -6.99 -14.67 -2.92
N LYS A 176 -6.90 -13.35 -3.10
CA LYS A 176 -6.58 -12.82 -4.41
C LYS A 176 -5.98 -11.43 -4.26
N ILE A 177 -5.23 -11.03 -5.28
CA ILE A 177 -4.55 -9.75 -5.34
C ILE A 177 -5.04 -9.01 -6.58
N MET A 178 -5.28 -7.70 -6.46
CA MET A 178 -5.44 -6.85 -7.63
C MET A 178 -4.25 -5.91 -7.68
N SER A 179 -3.57 -5.84 -8.83
CA SER A 179 -2.42 -4.97 -9.01
C SER A 179 -2.72 -3.96 -10.12
N CYS A 180 -1.93 -2.88 -10.16
CA CYS A 180 -2.17 -1.84 -11.15
C CYS A 180 -0.89 -1.08 -11.42
N GLY A 181 -0.80 -0.44 -12.58
CA GLY A 181 0.44 0.26 -12.87
C GLY A 181 0.42 1.16 -14.09
N MET A 182 1.63 1.44 -14.57
CA MET A 182 1.83 2.42 -15.62
C MET A 182 1.34 1.96 -16.98
N ASP A 183 1.02 0.67 -17.14
CA ASP A 183 0.46 0.21 -18.40
C ASP A 183 -1.05 0.42 -18.47
N HIS A 184 -1.59 1.23 -17.55
CA HIS A 184 -3.00 1.58 -17.44
C HIS A 184 -3.88 0.41 -17.02
N SER A 185 -3.31 -0.73 -16.67
CA SER A 185 -4.13 -1.91 -16.44
C SER A 185 -4.28 -2.22 -14.97
N LEU A 186 -5.38 -2.89 -14.64
CA LEU A 186 -5.57 -3.56 -13.37
C LEU A 186 -5.67 -5.06 -13.62
N LYS A 187 -4.93 -5.84 -12.84
CA LYS A 187 -4.80 -7.27 -13.08
C LYS A 187 -5.09 -8.03 -11.79
N LEU A 188 -5.83 -9.14 -11.93
CA LEU A 188 -6.23 -9.98 -10.81
C LEU A 188 -5.34 -11.20 -10.76
N TRP A 189 -4.84 -11.54 -9.58
CA TRP A 189 -4.02 -12.73 -9.38
C TRP A 189 -4.60 -13.53 -8.23
N ARG A 190 -5.16 -14.70 -8.52
CA ARG A 190 -5.71 -15.52 -7.45
C ARG A 190 -4.57 -16.29 -6.77
N ILE A 191 -4.57 -16.29 -5.44
CA ILE A 191 -3.52 -17.00 -4.70
C ILE A 191 -4.11 -18.09 -3.81
N ASN A 192 -5.35 -18.49 -4.07
CA ASN A 192 -5.99 -19.59 -3.35
C ASN A 192 -6.12 -20.84 -4.20
N SER A 193 -5.40 -20.91 -5.32
CA SER A 193 -5.29 -22.16 -6.06
C SER A 193 -4.63 -23.23 -5.20
N LYS A 194 -4.88 -24.50 -5.57
CA LYS A 194 -4.23 -25.59 -4.87
C LYS A 194 -2.71 -25.46 -4.95
N ARG A 195 -2.20 -25.05 -6.10
CA ARG A 195 -0.76 -24.93 -6.26
C ARG A 195 -0.18 -23.83 -5.39
N MET A 196 -0.87 -22.69 -5.30
CA MET A 196 -0.34 -21.58 -4.51
C MET A 196 -0.47 -21.86 -3.02
N MET A 197 -1.57 -22.49 -2.60
CA MET A 197 -1.68 -22.86 -1.20
C MET A 197 -0.62 -23.90 -0.83
N ASN A 198 -0.34 -24.83 -1.74
CA ASN A 198 0.70 -25.81 -1.48
C ASN A 198 2.08 -25.13 -1.40
N ALA A 199 2.32 -24.14 -2.26
CA ALA A 199 3.61 -23.46 -2.24
C ALA A 199 3.80 -22.67 -0.95
N ILE A 200 2.73 -22.06 -0.43
CA ILE A 200 2.83 -21.36 0.85
C ILE A 200 3.13 -22.36 1.96
N LYS A 201 2.44 -23.51 1.97
CA LYS A 201 2.75 -24.55 2.93
C LYS A 201 4.21 -24.96 2.84
N GLU A 202 4.71 -25.19 1.62
CA GLU A 202 6.11 -25.59 1.46
C GLU A 202 7.05 -24.51 1.96
N SER A 203 6.70 -23.24 1.74
CA SER A 203 7.57 -22.17 2.22
C SER A 203 7.72 -22.20 3.73
N TYR A 204 6.69 -22.66 4.45
CA TYR A 204 6.78 -22.76 5.90
C TYR A 204 7.60 -23.96 6.33
N ASP A 205 7.66 -25.00 5.51
CA ASP A 205 8.44 -26.20 5.83
C ASP A 205 9.91 -26.03 5.52
N TYR A 206 10.33 -24.92 4.92
CA TYR A 206 11.68 -24.79 4.38
C TYR A 206 12.64 -24.24 5.43
N ASN A 207 13.72 -24.97 5.67
CA ASN A 207 14.80 -24.55 6.56
C ASN A 207 16.09 -24.84 5.84
N PRO A 208 16.85 -23.81 5.42
CA PRO A 208 18.02 -24.07 4.57
C PRO A 208 19.13 -24.81 5.30
N ASN A 209 19.11 -24.85 6.63
CA ASN A 209 20.08 -25.63 7.37
C ASN A 209 19.72 -27.10 7.43
N LYS A 210 18.51 -27.48 7.02
CA LYS A 210 18.06 -28.86 7.08
C LYS A 210 17.99 -29.52 5.72
N THR A 211 18.40 -28.84 4.65
CA THR A 211 18.24 -29.38 3.32
C THR A 211 19.31 -28.79 2.41
N ASN A 212 19.34 -29.31 1.18
CA ASN A 212 20.31 -28.86 0.19
C ASN A 212 19.69 -28.05 -0.91
N ARG A 213 18.39 -28.14 -1.11
CA ARG A 213 17.73 -27.40 -2.17
C ARG A 213 17.58 -25.91 -1.78
N PRO A 214 17.66 -25.02 -2.76
CA PRO A 214 17.11 -23.69 -2.57
C PRO A 214 15.60 -23.80 -2.58
N PHE A 215 14.92 -22.75 -2.13
CA PHE A 215 13.46 -22.78 -2.18
C PHE A 215 13.01 -22.28 -3.55
N ILE A 216 12.20 -23.09 -4.23
CA ILE A 216 11.78 -22.80 -5.61
C ILE A 216 10.51 -21.99 -5.58
N SER A 217 10.51 -20.82 -6.23
CA SER A 217 9.33 -19.98 -6.28
C SER A 217 8.39 -20.40 -7.41
N GLN A 218 7.11 -20.10 -7.23
CA GLN A 218 6.15 -20.27 -8.32
C GLN A 218 6.30 -19.11 -9.29
N LYS A 219 6.34 -19.41 -10.57
CA LYS A 219 6.39 -18.38 -11.61
C LYS A 219 4.99 -18.27 -12.21
N ILE A 220 4.30 -17.19 -11.89
CA ILE A 220 2.92 -16.96 -12.33
C ILE A 220 2.98 -15.94 -13.45
N HIS A 221 2.71 -16.38 -14.68
CA HIS A 221 2.87 -15.53 -15.86
C HIS A 221 1.56 -14.94 -16.36
N PHE A 222 0.41 -15.42 -15.90
CA PHE A 222 -0.86 -15.04 -16.48
C PHE A 222 -1.83 -14.61 -15.38
N PRO A 223 -2.37 -13.40 -15.44
CA PRO A 223 -3.40 -13.00 -14.47
C PRO A 223 -4.71 -13.73 -14.73
N ASP A 224 -5.58 -13.70 -13.72
CA ASP A 224 -6.90 -14.30 -13.78
C ASP A 224 -7.96 -13.35 -14.31
N PHE A 225 -7.60 -12.09 -14.56
CA PHE A 225 -8.46 -11.07 -15.16
C PHE A 225 -7.58 -9.85 -15.39
N SER A 226 -7.87 -9.10 -16.45
CA SER A 226 -7.13 -7.87 -16.71
C SER A 226 -8.02 -6.88 -17.46
N THR A 227 -7.89 -5.60 -17.13
CA THR A 227 -8.65 -4.56 -17.83
C THR A 227 -7.81 -3.31 -17.98
N ARG A 228 -7.95 -2.63 -19.12
CA ARG A 228 -7.45 -1.28 -19.30
C ARG A 228 -8.59 -0.30 -19.58
N ASP A 229 -9.81 -0.63 -19.17
CA ASP A 229 -11.00 0.14 -19.52
C ASP A 229 -11.52 1.01 -18.39
N ILE A 230 -10.81 1.09 -17.26
CA ILE A 230 -11.26 1.92 -16.14
C ILE A 230 -10.66 3.32 -16.23
N HIS A 231 -9.35 3.42 -16.39
CA HIS A 231 -8.61 4.68 -16.45
C HIS A 231 -7.92 4.81 -17.80
N ARG A 232 -7.47 6.03 -18.11
CA ARG A 232 -6.72 6.29 -19.33
C ARG A 232 -5.31 6.80 -19.06
N ASN A 233 -4.75 6.48 -17.88
CA ASN A 233 -3.39 6.90 -17.57
C ASN A 233 -2.85 5.96 -16.50
N TYR A 234 -1.64 6.27 -16.00
CA TYR A 234 -1.02 5.48 -14.93
C TYR A 234 -2.02 5.23 -13.82
N VAL A 235 -2.15 3.97 -13.39
CA VAL A 235 -3.04 3.63 -12.28
C VAL A 235 -2.15 3.45 -11.05
N ASP A 236 -2.25 4.35 -10.07
CA ASP A 236 -1.25 4.40 -9.00
C ASP A 236 -1.77 4.04 -7.62
N CYS A 237 -3.02 3.61 -7.48
CA CYS A 237 -3.50 3.16 -6.17
C CYS A 237 -4.73 2.28 -6.38
N VAL A 238 -4.76 1.12 -5.69
CA VAL A 238 -5.88 0.20 -5.81
C VAL A 238 -6.20 -0.39 -4.45
N ARG A 239 -7.49 -0.59 -4.16
CA ARG A 239 -7.92 -1.20 -2.91
C ARG A 239 -9.19 -2.02 -3.18
N TRP A 240 -9.26 -3.20 -2.57
CA TRP A 240 -10.52 -3.94 -2.57
C TRP A 240 -11.50 -3.29 -1.61
N LEU A 241 -12.78 -3.25 -2.01
CA LEU A 241 -13.87 -2.87 -1.11
C LEU A 241 -14.88 -4.00 -1.20
N GLY A 242 -14.71 -5.02 -0.35
CA GLY A 242 -15.49 -6.24 -0.52
C GLY A 242 -15.08 -6.91 -1.83
N ASP A 243 -16.07 -7.21 -2.67
CA ASP A 243 -15.81 -7.75 -4.00
C ASP A 243 -15.63 -6.68 -5.05
N LEU A 244 -15.76 -5.40 -4.68
CA LEU A 244 -15.56 -4.28 -5.59
C LEU A 244 -14.14 -3.76 -5.49
N ILE A 245 -13.76 -2.93 -6.45
CA ILE A 245 -12.43 -2.32 -6.50
C ILE A 245 -12.57 -0.81 -6.45
N LEU A 246 -11.69 -0.16 -5.69
CA LEU A 246 -11.49 1.28 -5.80
C LEU A 246 -10.11 1.52 -6.39
N SER A 247 -10.02 2.26 -7.48
CA SER A 247 -8.72 2.56 -8.05
C SER A 247 -8.69 3.98 -8.56
N LYS A 248 -7.49 4.55 -8.64
CA LYS A 248 -7.34 5.88 -9.17
C LYS A 248 -6.15 5.95 -10.12
N SER A 249 -6.23 6.91 -11.02
CA SER A 249 -5.12 7.27 -11.89
C SER A 249 -4.82 8.74 -11.59
N CYS A 250 -4.20 9.47 -12.50
CA CYS A 250 -3.95 10.89 -12.25
C CYS A 250 -4.95 11.76 -12.99
N GLU A 251 -6.20 11.32 -13.07
CA GLU A 251 -7.27 12.02 -13.79
C GLU A 251 -8.33 12.56 -12.84
N ASN A 252 -7.97 12.81 -11.60
CA ASN A 252 -8.81 13.48 -10.60
C ASN A 252 -10.08 12.68 -10.31
N ALA A 253 -9.94 11.36 -10.22
CA ALA A 253 -11.09 10.51 -9.93
C ALA A 253 -10.64 9.20 -9.31
N ILE A 254 -11.39 8.76 -8.31
CA ILE A 254 -11.35 7.38 -7.82
C ILE A 254 -12.56 6.66 -8.39
N VAL A 255 -12.35 5.54 -9.09
CA VAL A 255 -13.43 4.79 -9.72
C VAL A 255 -13.76 3.58 -8.87
N CYS A 256 -15.05 3.34 -8.63
CA CYS A 256 -15.47 2.10 -7.98
C CYS A 256 -16.05 1.21 -9.05
N TRP A 257 -15.49 0.01 -9.21
CA TRP A 257 -15.86 -0.84 -10.35
C TRP A 257 -15.72 -2.31 -9.95
N LYS A 258 -16.20 -3.20 -10.82
CA LYS A 258 -16.04 -4.63 -10.61
C LYS A 258 -15.80 -5.33 -11.94
N PRO A 259 -15.02 -6.41 -11.95
CA PRO A 259 -14.93 -7.22 -13.17
C PRO A 259 -16.29 -7.79 -13.52
N GLY A 260 -16.54 -7.92 -14.82
CA GLY A 260 -17.75 -8.56 -15.30
C GLY A 260 -18.96 -7.64 -15.29
N LYS A 261 -20.12 -8.27 -15.51
CA LYS A 261 -21.39 -7.57 -15.49
C LYS A 261 -21.89 -7.42 -14.06
N MET A 262 -23.01 -6.70 -13.91
CA MET A 262 -23.47 -6.30 -12.58
C MET A 262 -23.67 -7.49 -11.66
N GLU A 263 -24.29 -8.57 -12.16
CA GLU A 263 -24.62 -9.72 -11.32
C GLU A 263 -23.52 -10.78 -11.28
N ASP A 264 -22.37 -10.54 -11.90
CA ASP A 264 -21.32 -11.56 -11.98
C ASP A 264 -20.55 -11.64 -10.67
N ASP A 265 -20.45 -12.85 -10.13
CA ASP A 265 -19.68 -13.05 -8.91
C ASP A 265 -18.19 -13.02 -9.21
N ILE A 266 -17.42 -12.38 -8.33
CA ILE A 266 -15.99 -12.19 -8.54
C ILE A 266 -15.28 -13.54 -8.68
N ASP A 267 -15.79 -14.58 -8.04
CA ASP A 267 -15.10 -15.86 -8.09
C ASP A 267 -15.50 -16.72 -9.29
N LYS A 268 -16.50 -16.31 -10.06
CA LYS A 268 -16.82 -16.95 -11.33
C LYS A 268 -16.18 -16.23 -12.51
N ILE A 269 -15.44 -15.15 -12.27
CA ILE A 269 -14.81 -14.39 -13.34
C ILE A 269 -13.69 -15.23 -13.94
N LYS A 270 -13.68 -15.34 -15.27
CA LYS A 270 -12.66 -16.09 -15.96
C LYS A 270 -11.67 -15.16 -16.63
N PRO A 271 -10.45 -15.63 -16.91
CA PRO A 271 -9.42 -14.75 -17.49
C PRO A 271 -9.81 -14.09 -18.81
N SER A 272 -10.76 -14.66 -19.55
N SER A 272 -10.76 -14.66 -19.55
CA SER A 272 -11.19 -14.07 -20.81
CA SER A 272 -11.22 -14.10 -20.81
C SER A 272 -12.21 -12.96 -20.63
C SER A 272 -12.40 -13.15 -20.63
N GLU A 273 -12.64 -12.68 -19.41
CA GLU A 273 -13.73 -11.73 -19.18
C GLU A 273 -13.41 -10.38 -19.80
N SER A 274 -14.33 -9.87 -20.62
CA SER A 274 -14.13 -8.64 -21.37
C SER A 274 -14.83 -7.43 -20.77
N ASN A 275 -15.78 -7.63 -19.86
CA ASN A 275 -16.62 -6.55 -19.36
C ASN A 275 -16.17 -6.09 -17.97
N VAL A 276 -16.44 -4.81 -17.69
CA VAL A 276 -16.36 -4.24 -16.36
C VAL A 276 -17.67 -3.47 -16.11
N THR A 277 -17.99 -3.28 -14.83
CA THR A 277 -19.13 -2.50 -14.40
C THR A 277 -18.66 -1.38 -13.49
N ILE A 278 -19.05 -0.14 -13.81
CA ILE A 278 -18.67 1.02 -13.01
C ILE A 278 -19.82 1.37 -12.09
N LEU A 279 -19.56 1.36 -10.78
CA LEU A 279 -20.57 1.55 -9.76
C LEU A 279 -20.53 2.94 -9.16
N GLY A 280 -19.55 3.76 -9.54
CA GLY A 280 -19.51 5.12 -9.07
C GLY A 280 -18.14 5.70 -9.34
N ARG A 281 -18.06 7.01 -9.18
CA ARG A 281 -16.78 7.69 -9.34
C ARG A 281 -16.75 8.92 -8.44
N PHE A 282 -15.67 9.04 -7.66
CA PHE A 282 -15.48 10.13 -6.72
C PHE A 282 -14.48 11.10 -7.31
N ASP A 283 -14.97 12.25 -7.76
CA ASP A 283 -14.10 13.27 -8.34
C ASP A 283 -13.54 14.20 -7.26
N TYR A 284 -12.42 14.84 -7.60
CA TYR A 284 -11.76 15.84 -6.76
C TYR A 284 -10.94 16.72 -7.70
N SER A 285 -10.12 17.61 -7.14
CA SER A 285 -9.39 18.57 -7.94
C SER A 285 -7.90 18.50 -7.68
N GLN A 286 -7.13 18.95 -8.68
CA GLN A 286 -5.70 19.24 -8.55
C GLN A 286 -4.92 18.04 -8.00
N CYS A 287 -5.08 16.90 -8.66
CA CYS A 287 -4.32 15.69 -8.35
C CYS A 287 -3.90 15.04 -9.67
N ASP A 288 -3.13 15.80 -10.46
CA ASP A 288 -2.70 15.47 -11.81
C ASP A 288 -1.37 14.72 -11.87
N ILE A 289 -0.61 14.70 -10.78
CA ILE A 289 0.68 14.02 -10.73
C ILE A 289 0.44 12.59 -10.27
N TRP A 290 1.36 11.70 -10.62
CA TRP A 290 1.19 10.30 -10.23
C TRP A 290 1.98 10.03 -8.95
N TYR A 291 1.68 8.87 -8.35
CA TYR A 291 2.17 8.45 -7.03
C TYR A 291 1.51 9.28 -5.92
N MET A 292 0.17 9.26 -5.90
CA MET A 292 -0.64 9.92 -4.88
C MET A 292 -1.61 8.86 -4.38
N ARG A 293 -1.49 8.45 -3.13
CA ARG A 293 -2.19 7.27 -2.63
CA ARG A 293 -2.18 7.27 -2.62
C ARG A 293 -3.27 7.65 -1.64
N PHE A 294 -4.42 7.00 -1.76
CA PHE A 294 -5.49 7.14 -0.79
C PHE A 294 -5.35 6.03 0.27
N SER A 295 -6.02 6.23 1.40
CA SER A 295 -6.02 5.21 2.44
C SER A 295 -7.42 5.09 3.01
N MET A 296 -7.66 3.99 3.73
CA MET A 296 -8.95 3.76 4.37
C MET A 296 -8.73 3.46 5.85
N ASP A 297 -9.79 3.64 6.64
CA ASP A 297 -9.73 3.29 8.04
C ASP A 297 -9.83 1.77 8.19
N PHE A 298 -9.65 1.31 9.43
CA PHE A 298 -9.63 -0.14 9.68
C PHE A 298 -10.90 -0.80 9.18
N TRP A 299 -12.05 -0.17 9.40
CA TRP A 299 -13.33 -0.79 9.09
C TRP A 299 -13.75 -0.59 7.65
N GLN A 300 -13.03 0.24 6.88
CA GLN A 300 -13.41 0.63 5.51
C GLN A 300 -14.74 1.39 5.51
N LYS A 301 -14.95 2.19 6.56
CA LYS A 301 -16.03 3.16 6.57
C LYS A 301 -15.65 4.48 5.92
N MET A 302 -14.35 4.77 5.80
CA MET A 302 -13.86 6.07 5.35
C MET A 302 -12.70 5.88 4.38
N LEU A 303 -12.57 6.83 3.44
CA LEU A 303 -11.46 6.88 2.50
C LEU A 303 -10.91 8.29 2.48
N ALA A 304 -9.59 8.44 2.56
CA ALA A 304 -8.99 9.77 2.53
C ALA A 304 -7.94 9.85 1.44
N LEU A 305 -7.90 10.99 0.75
CA LEU A 305 -6.93 11.26 -0.30
C LEU A 305 -6.50 12.72 -0.23
N GLY A 306 -5.21 12.97 -0.33
CA GLY A 306 -4.70 14.32 -0.44
C GLY A 306 -4.41 14.69 -1.88
N ASN A 307 -4.45 15.99 -2.19
CA ASN A 307 -4.12 16.40 -3.56
C ASN A 307 -2.79 17.18 -3.57
N GLN A 308 -2.44 17.70 -4.74
CA GLN A 308 -1.10 18.22 -4.94
C GLN A 308 -0.91 19.65 -4.40
N VAL A 309 -1.94 20.23 -3.79
CA VAL A 309 -1.84 21.58 -3.22
C VAL A 309 -2.29 21.58 -1.76
N GLY A 310 -2.26 20.41 -1.12
CA GLY A 310 -2.45 20.31 0.32
C GLY A 310 -3.87 20.21 0.81
N LYS A 311 -4.84 19.88 -0.06
CA LYS A 311 -6.21 19.68 0.36
C LYS A 311 -6.48 18.20 0.61
N LEU A 312 -7.24 17.90 1.66
CA LEU A 312 -7.64 16.54 1.99
C LEU A 312 -9.10 16.32 1.64
N TYR A 313 -9.39 15.20 0.99
CA TYR A 313 -10.75 14.75 0.75
C TYR A 313 -10.97 13.49 1.60
N VAL A 314 -12.10 13.43 2.30
CA VAL A 314 -12.46 12.25 3.11
C VAL A 314 -13.89 11.86 2.73
N TRP A 315 -14.06 10.63 2.25
CA TRP A 315 -15.36 10.13 1.85
C TRP A 315 -15.90 9.16 2.89
N ASP A 316 -17.16 9.35 3.26
CA ASP A 316 -17.91 8.44 4.12
C ASP A 316 -18.57 7.38 3.23
N LEU A 317 -18.10 6.14 3.34
CA LEU A 317 -18.60 5.01 2.57
C LEU A 317 -19.68 4.22 3.29
N GLU A 318 -20.10 4.68 4.46
CA GLU A 318 -21.14 4.00 5.23
C GLU A 318 -22.51 4.41 4.69
N VAL A 319 -22.77 3.99 3.45
CA VAL A 319 -23.97 4.33 2.70
C VAL A 319 -24.36 3.10 1.87
N GLU A 320 -25.59 3.11 1.33
CA GLU A 320 -26.15 1.88 0.79
C GLU A 320 -25.46 1.43 -0.49
N ASP A 321 -24.93 2.36 -1.27
CA ASP A 321 -24.33 2.05 -2.55
C ASP A 321 -23.10 2.95 -2.71
N PRO A 322 -22.09 2.49 -3.47
CA PRO A 322 -20.84 3.27 -3.52
C PRO A 322 -21.02 4.69 -4.02
N HIS A 323 -21.87 4.91 -5.01
CA HIS A 323 -22.00 6.26 -5.56
C HIS A 323 -22.67 7.24 -4.62
N LYS A 324 -23.19 6.78 -3.48
CA LYS A 324 -23.79 7.66 -2.48
C LYS A 324 -22.79 8.14 -1.42
N ALA A 325 -21.50 7.85 -1.60
CA ALA A 325 -20.50 8.27 -0.62
C ALA A 325 -20.60 9.76 -0.33
N LYS A 326 -20.42 10.14 0.93
CA LYS A 326 -20.51 11.54 1.34
C LYS A 326 -19.12 12.12 1.55
N CYS A 327 -18.85 13.28 0.95
CA CYS A 327 -17.48 13.79 0.97
C CYS A 327 -17.35 14.96 1.95
N THR A 328 -16.22 14.98 2.67
CA THR A 328 -15.80 16.07 3.54
C THR A 328 -14.46 16.58 3.02
N THR A 329 -14.22 17.89 3.10
CA THR A 329 -12.89 18.38 2.75
C THR A 329 -12.23 19.04 3.96
N LEU A 330 -10.92 18.90 4.04
CA LEU A 330 -10.12 19.42 5.16
C LEU A 330 -8.99 20.27 4.59
N THR A 331 -8.97 21.54 4.97
CA THR A 331 -7.95 22.46 4.47
C THR A 331 -7.36 23.24 5.63
N HIS A 332 -6.10 23.63 5.47
CA HIS A 332 -5.41 24.50 6.42
C HIS A 332 -4.59 25.50 5.62
N HIS A 333 -4.64 26.78 6.04
CA HIS A 333 -4.03 27.82 5.22
C HIS A 333 -2.50 27.71 5.15
N LYS A 334 -1.88 26.93 6.03
CA LYS A 334 -0.44 26.72 5.98
C LYS A 334 -0.04 25.41 5.31
N CYS A 335 -1.00 24.60 4.87
CA CYS A 335 -0.70 23.31 4.25
C CYS A 335 -0.97 23.43 2.76
N GLY A 336 0.10 23.58 1.97
CA GLY A 336 -0.01 23.86 0.56
C GLY A 336 0.87 23.02 -0.35
N ALA A 337 1.61 22.06 0.23
CA ALA A 337 2.43 21.16 -0.54
C ALA A 337 1.66 19.88 -0.85
N ALA A 338 2.13 19.16 -1.87
CA ALA A 338 1.45 17.94 -2.30
C ALA A 338 1.40 16.91 -1.18
N ILE A 339 0.23 16.31 -0.96
CA ILE A 339 0.05 15.26 0.03
C ILE A 339 0.19 13.92 -0.68
N ARG A 340 1.22 13.15 -0.31
CA ARG A 340 1.52 11.90 -0.99
C ARG A 340 0.73 10.71 -0.47
N GLN A 341 0.44 10.69 0.84
CA GLN A 341 -0.29 9.57 1.42
C GLN A 341 -0.90 10.04 2.74
N THR A 342 -1.96 9.35 3.14
CA THR A 342 -2.61 9.56 4.43
C THR A 342 -2.64 8.23 5.19
N SER A 343 -2.90 8.31 6.50
CA SER A 343 -3.12 7.12 7.31
C SER A 343 -4.02 7.46 8.50
N PHE A 344 -4.95 6.55 8.81
CA PHE A 344 -5.81 6.63 9.99
C PHE A 344 -5.24 5.77 11.10
N SER A 345 -5.35 6.24 12.34
CA SER A 345 -5.03 5.37 13.47
C SER A 345 -6.03 4.20 13.53
N ARG A 346 -5.65 3.15 14.26
CA ARG A 346 -6.50 1.95 14.28
C ARG A 346 -7.88 2.24 14.85
N ASP A 347 -8.00 3.19 15.78
CA ASP A 347 -9.29 3.54 16.35
C ASP A 347 -9.99 4.67 15.58
N SER A 348 -9.45 5.07 14.43
CA SER A 348 -9.99 6.08 13.53
C SER A 348 -10.03 7.48 14.13
N SER A 349 -9.36 7.72 15.26
CA SER A 349 -9.44 9.02 15.92
C SER A 349 -8.44 10.04 15.38
N ILE A 350 -7.42 9.60 14.63
CA ILE A 350 -6.38 10.49 14.13
C ILE A 350 -6.16 10.19 12.66
N LEU A 351 -5.97 11.25 11.87
CA LEU A 351 -5.62 11.15 10.45
C LEU A 351 -4.36 11.96 10.21
N ILE A 352 -3.33 11.31 9.66
CA ILE A 352 -2.05 11.94 9.35
C ILE A 352 -1.89 12.05 7.85
N ALA A 353 -1.41 13.20 7.38
CA ALA A 353 -1.04 13.40 5.99
C ALA A 353 0.43 13.83 5.90
N VAL A 354 1.15 13.34 4.89
CA VAL A 354 2.56 13.71 4.73
C VAL A 354 2.78 14.26 3.33
N CYS A 355 3.78 15.15 3.21
CA CYS A 355 3.86 16.08 2.09
C CYS A 355 5.23 16.11 1.40
N ASP A 356 5.22 16.68 0.19
CA ASP A 356 6.42 16.78 -0.65
C ASP A 356 7.48 17.71 -0.04
N ASP A 357 7.10 18.57 0.90
CA ASP A 357 8.03 19.47 1.56
C ASP A 357 8.51 18.93 2.91
N ALA A 358 8.31 17.63 3.15
CA ALA A 358 8.69 16.92 4.36
C ALA A 358 7.82 17.28 5.56
N SER A 359 6.67 17.91 5.34
CA SER A 359 5.79 18.27 6.45
C SER A 359 4.80 17.14 6.75
N ILE A 360 4.31 17.14 7.99
CA ILE A 360 3.43 16.12 8.53
C ILE A 360 2.27 16.85 9.19
N TRP A 361 1.04 16.44 8.88
CA TRP A 361 -0.16 17.12 9.37
C TRP A 361 -1.04 16.16 10.17
N ARG A 362 -1.40 16.56 11.39
CA ARG A 362 -2.21 15.73 12.28
C ARG A 362 -3.62 16.30 12.39
N TRP A 363 -4.60 15.47 12.07
CA TRP A 363 -6.01 15.84 12.14
C TRP A 363 -6.69 14.90 13.13
N ASP A 364 -7.33 15.48 14.16
CA ASP A 364 -7.97 14.69 15.20
C ASP A 364 -9.48 14.78 15.07
N ARG A 365 -10.17 13.67 15.31
CA ARG A 365 -11.63 13.66 15.24
C ARG A 365 -12.22 14.38 16.45
CA LEU B 1 2.96 12.58 -17.04
C LEU B 1 4.13 12.84 -16.10
N LYS B 2 3.90 13.69 -15.10
CA LYS B 2 4.95 14.05 -14.13
C LYS B 2 4.65 13.47 -12.75
N PHE B 4 6.09 14.92 -10.04
CA PHE B 4 6.14 16.11 -9.20
C PHE B 4 5.46 17.33 -9.82
N PRO B 5 4.81 18.16 -8.99
CA PRO B 5 4.13 19.35 -9.51
C PRO B 5 5.13 20.40 -10.02
N GLY B 6 6.29 20.50 -9.39
#